data_2K2T
#
_entry.id   2K2T
#
_cell.length_a   1.000
_cell.length_b   1.000
_cell.length_c   1.000
_cell.angle_alpha   90.00
_cell.angle_beta   90.00
_cell.angle_gamma   90.00
#
_symmetry.space_group_name_H-M   'P 1'
#
_entity_poly.entity_id   1
_entity_poly.type   'polypeptide(L)'
_entity_poly.pdbx_seq_one_letter_code
;MANFVQLSETPAACSSNPCGPEAAGTCKETNSGYICRCNQGYRISLDGTGNVTCIVRQESG
;
_entity_poly.pdbx_strand_id   A
#
# COMPACT_ATOMS: atom_id res chain seq x y z
N VAL A 5 1.86 -5.35 8.80
CA VAL A 5 2.84 -6.18 9.54
C VAL A 5 2.50 -7.66 9.36
N GLN A 6 3.49 -8.45 8.98
CA GLN A 6 3.28 -9.87 8.75
C GLN A 6 3.21 -10.63 10.07
N LEU A 7 1.99 -11.00 10.46
CA LEU A 7 1.76 -11.70 11.71
C LEU A 7 2.31 -13.12 11.66
N SER A 8 1.74 -13.94 10.80
CA SER A 8 2.22 -15.31 10.62
C SER A 8 1.70 -15.90 9.31
N GLU A 9 0.40 -16.21 9.26
CA GLU A 9 -0.22 -16.75 8.06
C GLU A 9 -0.69 -15.60 7.18
N THR A 10 -1.66 -14.84 7.68
CA THR A 10 -2.11 -13.64 7.00
C THR A 10 -1.64 -12.41 7.78
N PRO A 11 -0.94 -11.50 7.10
CA PRO A 11 -0.44 -10.25 7.71
C PRO A 11 -1.58 -9.35 8.18
N ALA A 12 -2.79 -9.60 7.69
CA ALA A 12 -3.97 -8.78 7.98
C ALA A 12 -3.84 -7.41 7.35
N ALA A 13 -4.83 -7.04 6.53
CA ALA A 13 -4.84 -5.78 5.77
C ALA A 13 -3.78 -5.81 4.67
N CYS A 14 -2.52 -6.04 5.06
CA CYS A 14 -1.43 -6.18 4.10
C CYS A 14 -1.46 -7.55 3.45
N SER A 15 -2.44 -8.35 3.86
CA SER A 15 -2.57 -9.72 3.37
C SER A 15 -2.96 -9.76 1.90
N SER A 16 -3.50 -8.66 1.39
CA SER A 16 -3.89 -8.59 -0.02
C SER A 16 -2.91 -7.75 -0.84
N ASN A 17 -1.79 -7.38 -0.21
CA ASN A 17 -0.82 -6.46 -0.81
C ASN A 17 -1.49 -5.16 -1.26
N PRO A 18 -2.00 -4.36 -0.30
CA PRO A 18 -2.72 -3.11 -0.60
C PRO A 18 -1.89 -2.18 -1.49
N CYS A 19 -0.68 -1.89 -1.05
CA CYS A 19 0.19 -0.98 -1.76
C CYS A 19 1.07 -1.72 -2.77
N GLY A 20 0.65 -2.93 -3.12
CA GLY A 20 1.42 -3.76 -4.00
C GLY A 20 2.65 -4.31 -3.33
N PRO A 21 3.83 -4.14 -3.93
CA PRO A 21 5.10 -4.59 -3.38
C PRO A 21 5.72 -3.53 -2.45
N GLU A 22 6.77 -3.93 -1.74
CA GLU A 22 7.44 -3.03 -0.80
C GLU A 22 8.14 -1.89 -1.55
N ALA A 23 8.66 -2.21 -2.73
CA ALA A 23 9.35 -1.22 -3.55
C ALA A 23 8.39 -0.12 -3.99
N ALA A 24 7.11 -0.47 -4.12
CA ALA A 24 6.09 0.50 -4.47
C ALA A 24 5.72 1.33 -3.25
N GLY A 25 5.16 0.68 -2.23
CA GLY A 25 4.76 1.38 -1.04
C GLY A 25 4.59 0.45 0.14
N THR A 26 4.87 0.96 1.33
CA THR A 26 4.77 0.17 2.55
C THR A 26 3.40 0.37 3.18
N CYS A 27 2.82 -0.69 3.70
CA CYS A 27 1.51 -0.63 4.32
C CYS A 27 1.63 -0.64 5.84
N LYS A 28 0.80 0.17 6.49
CA LYS A 28 0.75 0.21 7.94
C LYS A 28 -0.69 0.08 8.42
N GLU A 29 -0.94 -0.88 9.28
CA GLU A 29 -2.25 -1.05 9.86
C GLU A 29 -2.60 0.12 10.77
N THR A 30 -3.70 0.77 10.46
CA THR A 30 -4.14 1.93 11.20
C THR A 30 -5.55 1.71 11.76
N ASN A 31 -6.12 2.76 12.34
CA ASN A 31 -7.49 2.71 12.87
C ASN A 31 -8.48 2.28 11.78
N SER A 32 -8.28 2.82 10.58
CA SER A 32 -9.19 2.53 9.46
C SER A 32 -8.87 1.18 8.82
N GLY A 33 -7.80 0.55 9.29
CA GLY A 33 -7.40 -0.74 8.75
C GLY A 33 -5.96 -0.73 8.31
N TYR A 34 -5.67 0.02 7.25
CA TYR A 34 -4.33 0.13 6.73
C TYR A 34 -4.16 1.42 5.96
N ILE A 35 -2.92 1.87 5.85
CA ILE A 35 -2.57 2.97 4.98
C ILE A 35 -1.38 2.58 4.11
N CYS A 36 -1.14 3.33 3.06
CA CYS A 36 -0.06 3.04 2.15
C CYS A 36 0.90 4.21 2.02
N ARG A 37 2.18 3.93 2.20
CA ARG A 37 3.21 4.94 2.05
C ARG A 37 4.06 4.61 0.85
N CYS A 38 3.81 5.29 -0.26
CA CYS A 38 4.53 5.03 -1.49
C CYS A 38 5.92 5.62 -1.44
N ASN A 39 6.86 4.90 -2.04
CA ASN A 39 8.24 5.33 -2.10
C ASN A 39 8.40 6.42 -3.16
N GLN A 40 9.56 7.08 -3.15
CA GLN A 40 9.85 8.14 -4.09
C GLN A 40 9.82 7.62 -5.53
N GLY A 41 8.77 8.00 -6.25
CA GLY A 41 8.58 7.50 -7.60
C GLY A 41 7.25 6.78 -7.74
N TYR A 42 6.55 6.62 -6.63
CA TYR A 42 5.25 5.98 -6.62
C TYR A 42 4.21 6.90 -5.98
N ARG A 43 2.93 6.59 -6.20
CA ARG A 43 1.83 7.45 -5.76
C ARG A 43 0.64 6.62 -5.32
N ILE A 44 -0.23 7.23 -4.50
CA ILE A 44 -1.42 6.57 -3.99
C ILE A 44 -2.55 6.68 -4.99
N SER A 45 -3.26 5.58 -5.19
CA SER A 45 -4.39 5.55 -6.10
C SER A 45 -5.48 4.66 -5.55
N LEU A 46 -6.73 5.02 -5.81
CA LEU A 46 -7.85 4.17 -5.47
C LEU A 46 -8.22 3.36 -6.70
N ASP A 47 -8.01 2.06 -6.64
CA ASP A 47 -8.12 1.23 -7.83
C ASP A 47 -9.55 0.78 -8.08
N GLY A 48 -10.38 1.70 -8.57
CA GLY A 48 -11.73 1.38 -8.97
C GLY A 48 -12.69 1.22 -7.81
N THR A 49 -12.38 0.29 -6.91
CA THR A 49 -13.28 -0.03 -5.80
C THR A 49 -12.96 0.80 -4.56
N GLY A 50 -12.05 1.76 -4.69
CA GLY A 50 -11.73 2.63 -3.59
C GLY A 50 -10.66 2.06 -2.67
N ASN A 51 -10.12 0.90 -3.05
CA ASN A 51 -9.02 0.30 -2.28
C ASN A 51 -7.79 1.19 -2.38
N VAL A 52 -7.14 1.43 -1.26
CA VAL A 52 -5.94 2.25 -1.25
C VAL A 52 -4.77 1.41 -1.72
N THR A 53 -4.28 1.71 -2.91
CA THR A 53 -3.18 0.97 -3.47
C THR A 53 -2.09 1.93 -3.92
N CYS A 54 -0.94 1.39 -4.26
CA CYS A 54 0.18 2.20 -4.66
C CYS A 54 0.52 1.89 -6.11
N ILE A 55 0.65 2.94 -6.90
CA ILE A 55 0.96 2.78 -8.32
C ILE A 55 2.16 3.63 -8.67
N VAL A 56 2.72 3.40 -9.84
CA VAL A 56 3.91 4.12 -10.26
C VAL A 56 3.55 5.56 -10.63
N ARG A 57 4.38 6.50 -10.19
CA ARG A 57 4.18 7.91 -10.49
C ARG A 57 4.61 8.18 -11.92
N GLN A 58 5.62 7.44 -12.35
CA GLN A 58 6.10 7.45 -13.73
C GLN A 58 7.23 6.44 -13.85
N GLU A 59 8.36 6.78 -13.27
CA GLU A 59 9.50 5.87 -13.19
C GLU A 59 10.13 5.97 -11.80
N SER A 60 10.83 7.06 -11.57
CA SER A 60 11.38 7.35 -10.25
C SER A 60 11.03 8.79 -9.88
N GLY A 61 9.79 9.17 -10.17
CA GLY A 61 9.35 10.52 -9.94
C GLY A 61 8.43 10.99 -11.05
N VAL A 5 2.17 -3.82 7.64
CA VAL A 5 3.32 -4.32 8.41
C VAL A 5 3.25 -3.82 9.88
N GLN A 6 2.05 -3.80 10.43
CA GLN A 6 1.86 -3.41 11.82
C GLN A 6 2.25 -4.58 12.72
N LEU A 7 1.82 -5.77 12.33
CA LEU A 7 2.24 -6.99 13.02
C LEU A 7 3.23 -7.74 12.14
N SER A 8 3.93 -8.68 12.74
CA SER A 8 5.07 -9.32 12.12
C SER A 8 4.72 -10.68 11.50
N GLU A 9 3.55 -11.21 11.84
CA GLU A 9 3.14 -12.51 11.32
C GLU A 9 2.56 -12.35 9.92
N THR A 10 1.24 -12.18 9.84
CA THR A 10 0.61 -11.78 8.60
C THR A 10 -0.15 -10.50 8.83
N PRO A 11 0.30 -9.42 8.21
CA PRO A 11 -0.36 -8.12 8.32
C PRO A 11 -1.76 -8.22 7.74
N ALA A 12 -2.76 -8.31 8.63
CA ALA A 12 -4.13 -8.62 8.23
C ALA A 12 -4.64 -7.68 7.14
N ALA A 13 -4.22 -6.42 7.18
CA ALA A 13 -4.64 -5.47 6.18
C ALA A 13 -3.76 -5.56 4.93
N CYS A 14 -2.48 -5.81 5.13
CA CYS A 14 -1.51 -5.84 4.04
C CYS A 14 -1.51 -7.19 3.33
N SER A 15 -2.04 -8.21 4.01
CA SER A 15 -2.14 -9.54 3.47
C SER A 15 -3.16 -9.57 2.32
N SER A 16 -3.88 -8.47 2.16
CA SER A 16 -4.82 -8.31 1.06
C SER A 16 -4.13 -7.71 -0.17
N ASN A 17 -2.82 -7.45 -0.02
CA ASN A 17 -1.99 -6.87 -1.07
C ASN A 17 -2.51 -5.50 -1.52
N PRO A 18 -2.41 -4.48 -0.65
CA PRO A 18 -2.92 -3.15 -0.92
C PRO A 18 -1.98 -2.34 -1.82
N CYS A 19 -0.87 -1.86 -1.24
CA CYS A 19 0.08 -1.03 -1.98
C CYS A 19 0.98 -1.86 -2.90
N GLY A 20 0.50 -3.03 -3.29
CA GLY A 20 1.29 -3.92 -4.13
C GLY A 20 2.48 -4.48 -3.38
N PRO A 21 3.70 -4.27 -3.91
CA PRO A 21 4.92 -4.70 -3.23
C PRO A 21 5.42 -3.63 -2.27
N GLU A 22 6.17 -4.05 -1.26
CA GLU A 22 6.70 -3.13 -0.26
C GLU A 22 7.78 -2.24 -0.87
N ALA A 23 8.16 -2.55 -2.10
CA ALA A 23 9.07 -1.71 -2.87
C ALA A 23 8.34 -0.50 -3.42
N ALA A 24 7.08 -0.70 -3.77
CA ALA A 24 6.25 0.37 -4.29
C ALA A 24 5.90 1.33 -3.17
N GLY A 25 5.38 0.78 -2.09
CA GLY A 25 5.06 1.59 -0.93
C GLY A 25 5.01 0.76 0.32
N THR A 26 5.14 1.44 1.45
CA THR A 26 5.05 0.78 2.73
C THR A 26 3.58 0.66 3.12
N CYS A 27 3.20 -0.49 3.65
CA CYS A 27 1.83 -0.69 4.06
C CYS A 27 1.70 -0.47 5.56
N LYS A 28 0.99 0.59 5.91
CA LYS A 28 0.86 0.99 7.30
C LYS A 28 -0.56 0.73 7.77
N GLU A 29 -0.72 -0.33 8.52
CA GLU A 29 -2.03 -0.72 9.01
C GLU A 29 -2.48 0.22 10.11
N THR A 30 -3.64 0.83 9.90
CA THR A 30 -4.17 1.78 10.83
C THR A 30 -5.29 1.16 11.65
N ASN A 31 -5.94 1.94 12.48
CA ASN A 31 -7.06 1.43 13.26
C ASN A 31 -8.28 1.27 12.34
N SER A 32 -8.29 2.06 11.28
CA SER A 32 -9.37 2.03 10.31
C SER A 32 -9.14 0.95 9.26
N GLY A 33 -7.95 0.34 9.31
CA GLY A 33 -7.61 -0.69 8.35
C GLY A 33 -6.17 -0.60 7.93
N TYR A 34 -5.91 0.10 6.83
CA TYR A 34 -4.55 0.32 6.37
C TYR A 34 -4.44 1.60 5.56
N ILE A 35 -3.25 2.15 5.54
CA ILE A 35 -2.90 3.22 4.63
C ILE A 35 -1.61 2.85 3.92
N CYS A 36 -1.34 3.46 2.79
CA CYS A 36 -0.15 3.13 2.02
C CYS A 36 0.74 4.34 1.86
N ARG A 37 2.02 4.15 2.07
CA ARG A 37 3.00 5.20 1.89
C ARG A 37 3.96 4.81 0.77
N CYS A 38 3.73 5.34 -0.41
CA CYS A 38 4.53 5.00 -1.57
C CYS A 38 5.92 5.62 -1.48
N ASN A 39 6.92 4.86 -1.92
CA ASN A 39 8.28 5.35 -1.93
C ASN A 39 8.46 6.36 -3.05
N GLN A 40 9.60 7.06 -3.04
CA GLN A 40 9.86 8.08 -4.05
C GLN A 40 9.83 7.46 -5.45
N GLY A 41 8.91 7.93 -6.27
CA GLY A 41 8.74 7.34 -7.58
C GLY A 41 7.36 6.72 -7.74
N TYR A 42 6.68 6.52 -6.63
CA TYR A 42 5.35 5.92 -6.63
C TYR A 42 4.32 6.88 -6.03
N ARG A 43 3.04 6.61 -6.29
CA ARG A 43 1.96 7.48 -5.83
C ARG A 43 0.73 6.64 -5.44
N ILE A 44 -0.12 7.22 -4.61
CA ILE A 44 -1.31 6.53 -4.12
C ILE A 44 -2.41 6.51 -5.18
N SER A 45 -3.03 5.36 -5.33
CA SER A 45 -4.13 5.17 -6.26
C SER A 45 -5.21 4.32 -5.60
N LEU A 46 -6.46 4.49 -6.01
CA LEU A 46 -7.55 3.65 -5.51
C LEU A 46 -7.99 2.69 -6.60
N ASP A 47 -8.37 1.48 -6.18
CA ASP A 47 -8.78 0.41 -7.09
C ASP A 47 -10.05 0.77 -7.85
N GLY A 48 -10.82 1.69 -7.29
CA GLY A 48 -12.10 2.05 -7.87
C GLY A 48 -13.21 1.96 -6.84
N THR A 49 -13.03 1.09 -5.86
CA THR A 49 -13.99 0.96 -4.78
C THR A 49 -13.48 1.70 -3.55
N GLY A 50 -12.24 2.15 -3.64
CA GLY A 50 -11.68 3.00 -2.59
C GLY A 50 -10.62 2.31 -1.77
N ASN A 51 -10.13 1.17 -2.27
CA ASN A 51 -9.02 0.47 -1.62
C ASN A 51 -7.73 1.19 -1.93
N VAL A 52 -6.90 1.40 -0.91
CA VAL A 52 -5.68 2.18 -1.06
C VAL A 52 -4.59 1.32 -1.68
N THR A 53 -4.21 1.66 -2.91
CA THR A 53 -3.19 0.94 -3.62
C THR A 53 -2.05 1.88 -3.99
N CYS A 54 -1.00 1.35 -4.60
CA CYS A 54 0.16 2.14 -4.95
C CYS A 54 0.60 1.86 -6.37
N ILE A 55 0.81 2.91 -7.13
CA ILE A 55 1.23 2.80 -8.52
C ILE A 55 2.39 3.74 -8.77
N VAL A 56 3.01 3.65 -9.94
CA VAL A 56 4.12 4.53 -10.28
C VAL A 56 3.63 5.98 -10.39
N ARG A 57 4.46 6.91 -9.91
CA ARG A 57 4.13 8.32 -9.98
C ARG A 57 4.35 8.82 -11.40
N GLN A 58 5.60 9.00 -11.76
CA GLN A 58 5.97 9.24 -13.14
C GLN A 58 6.81 8.08 -13.64
N GLU A 59 7.96 7.90 -13.00
CA GLU A 59 8.87 6.79 -13.29
C GLU A 59 10.11 6.92 -12.41
N SER A 60 10.02 6.38 -11.19
CA SER A 60 11.05 6.57 -10.17
C SER A 60 11.25 8.05 -9.91
N GLY A 61 10.15 8.78 -10.03
CA GLY A 61 10.14 10.21 -9.86
C GLY A 61 8.73 10.72 -9.93
N VAL A 5 2.35 -4.35 7.85
CA VAL A 5 3.09 -5.62 7.68
C VAL A 5 3.25 -6.33 9.01
N GLN A 6 2.14 -6.85 9.54
CA GLN A 6 2.19 -7.63 10.78
C GLN A 6 2.22 -9.12 10.46
N LEU A 7 2.21 -9.95 11.51
CA LEU A 7 2.18 -11.41 11.37
C LEU A 7 3.44 -11.93 10.66
N SER A 8 3.48 -13.24 10.44
CA SER A 8 4.65 -13.87 9.87
C SER A 8 4.31 -14.60 8.57
N GLU A 9 3.03 -14.64 8.22
CA GLU A 9 2.61 -15.20 6.95
C GLU A 9 2.00 -14.11 6.07
N THR A 10 0.83 -13.63 6.46
CA THR A 10 0.18 -12.56 5.74
C THR A 10 -0.17 -11.40 6.66
N PRO A 11 0.22 -10.18 6.27
CA PRO A 11 0.11 -8.99 7.13
C PRO A 11 -1.31 -8.43 7.24
N ALA A 12 -2.25 -9.29 7.61
CA ALA A 12 -3.64 -8.93 7.92
C ALA A 12 -4.27 -7.95 6.92
N ALA A 13 -4.19 -6.65 7.21
CA ALA A 13 -4.80 -5.63 6.36
C ALA A 13 -3.99 -5.46 5.08
N CYS A 14 -2.68 -5.58 5.20
CA CYS A 14 -1.79 -5.47 4.06
C CYS A 14 -1.68 -6.81 3.35
N SER A 15 -2.45 -7.78 3.82
CA SER A 15 -2.41 -9.13 3.30
C SER A 15 -3.02 -9.19 1.89
N SER A 16 -3.74 -8.15 1.52
CA SER A 16 -4.33 -8.08 0.18
C SER A 16 -3.36 -7.41 -0.79
N ASN A 17 -2.20 -7.02 -0.27
CA ASN A 17 -1.18 -6.28 -1.02
C ASN A 17 -1.73 -4.96 -1.54
N PRO A 18 -2.10 -4.04 -0.63
CA PRO A 18 -2.70 -2.76 -1.00
C PRO A 18 -1.72 -1.88 -1.76
N CYS A 19 -0.53 -1.72 -1.20
CA CYS A 19 0.49 -0.90 -1.81
C CYS A 19 1.31 -1.73 -2.81
N GLY A 20 0.85 -2.94 -3.06
CA GLY A 20 1.52 -3.82 -3.99
C GLY A 20 2.78 -4.45 -3.43
N PRO A 21 3.92 -4.24 -4.10
CA PRO A 21 5.22 -4.78 -3.68
C PRO A 21 5.89 -3.90 -2.62
N GLU A 22 6.87 -4.50 -1.94
CA GLU A 22 7.59 -3.83 -0.85
C GLU A 22 8.44 -2.68 -1.36
N ALA A 23 8.73 -2.67 -2.66
CA ALA A 23 9.52 -1.61 -3.26
C ALA A 23 8.65 -0.40 -3.59
N ALA A 24 7.34 -0.61 -3.60
CA ALA A 24 6.42 0.45 -3.96
C ALA A 24 6.20 1.40 -2.79
N GLY A 25 5.68 0.87 -1.69
CA GLY A 25 5.39 1.70 -0.55
C GLY A 25 5.25 0.92 0.74
N THR A 26 5.30 1.64 1.85
CA THR A 26 5.17 1.05 3.17
C THR A 26 3.70 0.87 3.52
N CYS A 27 3.35 -0.30 4.04
CA CYS A 27 1.96 -0.57 4.42
C CYS A 27 1.84 -0.82 5.91
N LYS A 28 1.06 0.02 6.57
CA LYS A 28 0.84 -0.10 8.01
C LYS A 28 -0.64 -0.34 8.30
N GLU A 29 -0.92 -1.39 9.05
CA GLU A 29 -2.27 -1.70 9.48
C GLU A 29 -2.72 -0.68 10.53
N THR A 30 -3.82 -0.02 10.27
CA THR A 30 -4.33 1.00 11.15
C THR A 30 -5.67 0.59 11.75
N ASN A 31 -6.30 1.49 12.50
CA ASN A 31 -7.64 1.22 13.03
C ASN A 31 -8.68 1.43 11.92
N SER A 32 -8.33 2.28 10.97
CA SER A 32 -9.18 2.51 9.81
C SER A 32 -9.10 1.31 8.88
N GLY A 33 -7.98 0.61 8.96
CA GLY A 33 -7.75 -0.56 8.12
C GLY A 33 -6.27 -0.70 7.82
N TYR A 34 -5.81 0.04 6.83
CA TYR A 34 -4.41 0.08 6.48
C TYR A 34 -4.07 1.38 5.77
N ILE A 35 -2.80 1.70 5.71
CA ILE A 35 -2.34 2.86 4.97
C ILE A 35 -1.23 2.48 4.00
N CYS A 36 -1.12 3.23 2.92
CA CYS A 36 -0.08 2.99 1.93
C CYS A 36 0.78 4.23 1.76
N ARG A 37 2.05 4.08 2.06
CA ARG A 37 2.99 5.18 1.94
C ARG A 37 3.93 4.95 0.77
N CYS A 38 3.65 5.60 -0.34
CA CYS A 38 4.40 5.39 -1.57
C CYS A 38 5.76 6.05 -1.51
N ASN A 39 6.77 5.35 -2.03
CA ASN A 39 8.11 5.88 -2.08
C ASN A 39 8.30 6.75 -3.32
N GLN A 40 9.48 7.35 -3.44
CA GLN A 40 9.80 8.19 -4.58
C GLN A 40 9.60 7.42 -5.89
N GLY A 41 8.71 7.92 -6.73
CA GLY A 41 8.44 7.27 -8.00
C GLY A 41 7.14 6.50 -7.99
N TYR A 42 6.41 6.58 -6.87
CA TYR A 42 5.13 5.94 -6.74
C TYR A 42 4.08 6.93 -6.26
N ARG A 43 2.81 6.60 -6.44
CA ARG A 43 1.73 7.49 -6.04
C ARG A 43 0.51 6.70 -5.56
N ILE A 44 -0.28 7.33 -4.71
CA ILE A 44 -1.48 6.71 -4.19
C ILE A 44 -2.60 6.76 -5.22
N SER A 45 -3.26 5.63 -5.40
CA SER A 45 -4.36 5.54 -6.33
C SER A 45 -5.46 4.68 -5.71
N LEU A 46 -6.70 4.94 -6.11
CA LEU A 46 -7.81 4.10 -5.68
C LEU A 46 -8.20 3.18 -6.82
N ASP A 47 -8.62 1.98 -6.46
CA ASP A 47 -9.09 1.01 -7.44
C ASP A 47 -10.56 1.26 -7.76
N GLY A 48 -11.23 0.25 -8.29
CA GLY A 48 -12.64 0.37 -8.58
C GLY A 48 -13.49 0.52 -7.33
N THR A 49 -13.02 -0.01 -6.21
CA THR A 49 -13.81 0.01 -4.98
C THR A 49 -13.49 1.26 -4.15
N GLY A 50 -12.27 1.74 -4.25
CA GLY A 50 -11.88 2.91 -3.49
C GLY A 50 -10.86 2.57 -2.42
N ASN A 51 -10.23 1.42 -2.58
CA ASN A 51 -9.21 0.96 -1.67
C ASN A 51 -7.92 1.74 -1.91
N VAL A 52 -7.21 2.04 -0.83
CA VAL A 52 -5.99 2.83 -0.93
C VAL A 52 -4.84 1.94 -1.39
N THR A 53 -4.39 2.18 -2.61
CA THR A 53 -3.34 1.38 -3.20
C THR A 53 -2.18 2.26 -3.64
N CYS A 54 -1.09 1.63 -3.99
CA CYS A 54 0.09 2.36 -4.45
C CYS A 54 0.45 1.88 -5.85
N ILE A 55 0.63 2.82 -6.76
CA ILE A 55 0.92 2.48 -8.14
C ILE A 55 2.16 3.22 -8.62
N VAL A 56 2.80 2.68 -9.65
CA VAL A 56 4.02 3.28 -10.18
C VAL A 56 3.72 4.62 -10.84
N ARG A 57 4.39 5.65 -10.37
CA ARG A 57 4.17 7.00 -10.86
C ARG A 57 5.06 7.26 -12.06
N GLN A 58 4.52 7.98 -13.03
CA GLN A 58 5.27 8.35 -14.23
C GLN A 58 6.32 9.42 -13.93
N GLU A 59 6.41 9.76 -12.66
CA GLU A 59 7.35 10.77 -12.20
C GLU A 59 8.19 10.17 -11.07
N SER A 60 9.50 10.20 -11.21
CA SER A 60 10.39 9.64 -10.21
C SER A 60 10.56 10.61 -9.04
N GLY A 61 9.48 10.84 -8.33
CA GLY A 61 9.49 11.72 -7.19
C GLY A 61 8.12 11.83 -6.58
N VAL A 5 2.39 -4.92 9.82
CA VAL A 5 2.54 -6.30 10.34
C VAL A 5 2.32 -6.32 11.84
N GLN A 6 1.09 -6.10 12.27
CA GLN A 6 0.77 -6.06 13.70
C GLN A 6 0.29 -7.40 14.23
N LEU A 7 0.00 -8.34 13.33
CA LEU A 7 -0.46 -9.66 13.76
C LEU A 7 0.70 -10.55 14.17
N SER A 8 1.28 -11.26 13.20
CA SER A 8 2.42 -12.12 13.46
C SER A 8 3.34 -12.14 12.25
N GLU A 9 2.85 -12.71 11.16
CA GLU A 9 3.61 -12.75 9.93
C GLU A 9 2.86 -12.00 8.82
N THR A 10 1.54 -12.01 8.92
CA THR A 10 0.71 -11.33 7.94
C THR A 10 0.24 -9.98 8.49
N PRO A 11 0.36 -8.93 7.68
CA PRO A 11 -0.07 -7.58 8.03
C PRO A 11 -1.57 -7.36 7.91
N ALA A 12 -2.34 -8.43 8.11
CA ALA A 12 -3.81 -8.39 8.10
C ALA A 12 -4.39 -7.70 6.86
N ALA A 13 -4.76 -6.44 7.00
CA ALA A 13 -5.35 -5.68 5.90
C ALA A 13 -4.30 -5.45 4.81
N CYS A 14 -3.04 -5.43 5.22
CA CYS A 14 -1.93 -5.24 4.31
C CYS A 14 -1.37 -6.57 3.85
N SER A 15 -2.00 -7.66 4.28
CA SER A 15 -1.52 -8.99 3.97
C SER A 15 -1.70 -9.32 2.49
N SER A 16 -2.63 -8.61 1.84
CA SER A 16 -2.89 -8.83 0.42
C SER A 16 -2.00 -7.95 -0.45
N ASN A 17 -1.05 -7.26 0.19
CA ASN A 17 -0.17 -6.31 -0.47
C ASN A 17 -0.97 -5.26 -1.25
N PRO A 18 -1.61 -4.33 -0.53
CA PRO A 18 -2.50 -3.32 -1.12
C PRO A 18 -1.72 -2.35 -1.99
N CYS A 19 -0.57 -1.94 -1.51
CA CYS A 19 0.26 -0.97 -2.22
C CYS A 19 1.08 -1.66 -3.29
N GLY A 20 0.95 -2.97 -3.34
CA GLY A 20 1.74 -3.77 -4.26
C GLY A 20 2.98 -4.31 -3.60
N PRO A 21 4.13 -4.28 -4.28
CA PRO A 21 5.38 -4.77 -3.74
C PRO A 21 6.01 -3.78 -2.75
N GLU A 22 7.05 -4.21 -2.06
CA GLU A 22 7.73 -3.33 -1.11
C GLU A 22 8.35 -2.14 -1.83
N ALA A 23 8.89 -2.41 -3.02
CA ALA A 23 9.52 -1.37 -3.83
C ALA A 23 8.52 -0.30 -4.22
N ALA A 24 7.24 -0.65 -4.23
CA ALA A 24 6.20 0.31 -4.56
C ALA A 24 5.86 1.15 -3.34
N GLY A 25 5.49 0.50 -2.26
CA GLY A 25 5.15 1.21 -1.05
C GLY A 25 4.97 0.28 0.12
N THR A 26 5.03 0.82 1.32
CA THR A 26 4.86 0.02 2.53
C THR A 26 3.47 0.25 3.09
N CYS A 27 2.84 -0.80 3.59
CA CYS A 27 1.49 -0.68 4.10
C CYS A 27 1.47 -0.71 5.62
N LYS A 28 0.59 0.07 6.20
CA LYS A 28 0.50 0.17 7.65
C LYS A 28 -0.95 0.03 8.09
N GLU A 29 -1.21 -0.94 8.95
CA GLU A 29 -2.53 -1.12 9.52
C GLU A 29 -2.84 0.06 10.44
N THR A 30 -3.96 0.71 10.19
CA THR A 30 -4.40 1.84 10.99
C THR A 30 -5.57 1.46 11.89
N ASN A 31 -5.97 2.36 12.76
CA ASN A 31 -7.15 2.13 13.61
C ASN A 31 -8.43 2.40 12.82
N SER A 32 -8.46 1.86 11.62
CA SER A 32 -9.57 2.02 10.70
C SER A 32 -9.47 0.94 9.64
N GLY A 33 -8.25 0.70 9.18
CA GLY A 33 -8.00 -0.37 8.24
C GLY A 33 -6.53 -0.45 7.89
N TYR A 34 -6.17 0.10 6.75
CA TYR A 34 -4.80 0.09 6.29
C TYR A 34 -4.51 1.32 5.46
N ILE A 35 -3.26 1.76 5.46
CA ILE A 35 -2.83 2.84 4.59
C ILE A 35 -1.59 2.44 3.86
N CYS A 36 -1.29 3.14 2.78
CA CYS A 36 -0.13 2.85 1.97
C CYS A 36 0.80 4.04 1.89
N ARG A 37 2.07 3.79 2.14
CA ARG A 37 3.09 4.81 2.02
C ARG A 37 3.98 4.49 0.84
N CYS A 38 3.75 5.17 -0.27
CA CYS A 38 4.48 4.92 -1.50
C CYS A 38 5.90 5.46 -1.41
N ASN A 39 6.82 4.76 -2.03
CA ASN A 39 8.22 5.16 -2.06
C ASN A 39 8.40 6.28 -3.07
N GLN A 40 9.58 6.89 -3.07
CA GLN A 40 9.87 8.00 -3.97
C GLN A 40 9.88 7.52 -5.42
N GLY A 41 8.80 7.82 -6.12
CA GLY A 41 8.62 7.34 -7.49
C GLY A 41 7.27 6.68 -7.67
N TYR A 42 6.51 6.63 -6.59
CA TYR A 42 5.17 6.06 -6.61
C TYR A 42 4.19 7.03 -5.97
N ARG A 43 2.90 6.84 -6.22
CA ARG A 43 1.88 7.70 -5.63
C ARG A 43 0.63 6.89 -5.29
N ILE A 44 -0.21 7.45 -4.43
CA ILE A 44 -1.41 6.76 -3.95
C ILE A 44 -2.55 6.87 -4.94
N SER A 45 -3.28 5.78 -5.11
CA SER A 45 -4.43 5.75 -5.99
C SER A 45 -5.47 4.79 -5.41
N LEU A 46 -6.72 5.01 -5.76
CA LEU A 46 -7.80 4.10 -5.36
C LEU A 46 -8.09 3.14 -6.50
N ASP A 47 -8.44 1.90 -6.14
CA ASP A 47 -8.70 0.84 -7.10
C ASP A 47 -9.91 1.13 -7.98
N GLY A 48 -10.70 2.11 -7.58
CA GLY A 48 -11.91 2.43 -8.30
C GLY A 48 -13.12 2.38 -7.39
N THR A 49 -13.05 1.52 -6.38
CA THR A 49 -14.14 1.40 -5.43
C THR A 49 -13.77 2.12 -4.13
N GLY A 50 -12.48 2.25 -3.89
CA GLY A 50 -12.00 3.00 -2.75
C GLY A 50 -10.96 2.25 -1.94
N ASN A 51 -10.33 1.26 -2.55
CA ASN A 51 -9.23 0.56 -1.92
C ASN A 51 -7.94 1.34 -2.11
N VAL A 52 -7.18 1.49 -1.04
CA VAL A 52 -5.94 2.25 -1.10
C VAL A 52 -4.83 1.41 -1.68
N THR A 53 -4.38 1.77 -2.87
CA THR A 53 -3.29 1.07 -3.52
C THR A 53 -2.22 2.06 -3.94
N CYS A 54 -1.12 1.55 -4.42
CA CYS A 54 0.02 2.38 -4.78
C CYS A 54 0.36 2.16 -6.24
N ILE A 55 0.53 3.23 -6.97
CA ILE A 55 0.79 3.15 -8.40
C ILE A 55 2.08 3.87 -8.77
N VAL A 56 2.82 3.28 -9.69
CA VAL A 56 4.05 3.87 -10.17
C VAL A 56 3.77 5.16 -10.93
N ARG A 57 4.44 6.23 -10.52
CA ARG A 57 4.28 7.52 -11.16
C ARG A 57 5.63 8.00 -11.65
N GLN A 58 5.71 8.46 -12.89
CA GLN A 58 6.99 8.87 -13.49
C GLN A 58 7.78 9.75 -12.54
N GLU A 59 7.15 10.80 -12.07
CA GLU A 59 7.78 11.73 -11.17
C GLU A 59 7.43 11.34 -9.73
N SER A 60 8.35 11.60 -8.82
CA SER A 60 8.17 11.24 -7.43
C SER A 60 7.20 12.21 -6.75
N GLY A 61 5.96 12.19 -7.22
CA GLY A 61 4.93 13.03 -6.68
C GLY A 61 3.62 12.83 -7.42
N VAL A 5 2.26 -4.29 7.58
CA VAL A 5 3.34 -5.13 8.15
C VAL A 5 3.53 -4.87 9.65
N GLN A 6 2.42 -4.64 10.35
CA GLN A 6 2.45 -4.42 11.79
C GLN A 6 2.32 -5.74 12.55
N LEU A 7 1.57 -6.67 11.96
CA LEU A 7 1.33 -7.97 12.59
C LEU A 7 2.45 -8.94 12.25
N SER A 8 2.31 -10.18 12.69
CA SER A 8 3.37 -11.18 12.55
C SER A 8 3.59 -11.59 11.10
N GLU A 9 2.66 -12.35 10.55
CA GLU A 9 2.84 -12.95 9.24
C GLU A 9 2.15 -12.13 8.17
N THR A 10 0.88 -12.45 7.93
CA THR A 10 0.06 -11.69 7.01
C THR A 10 -0.88 -10.79 7.80
N PRO A 11 -0.61 -9.48 7.76
CA PRO A 11 -1.26 -8.51 8.62
C PRO A 11 -2.62 -8.05 8.11
N ALA A 12 -3.56 -8.99 8.07
CA ALA A 12 -4.97 -8.75 7.72
C ALA A 12 -5.16 -7.82 6.52
N ALA A 13 -5.18 -6.52 6.79
CA ALA A 13 -5.40 -5.52 5.75
C ALA A 13 -4.29 -5.54 4.70
N CYS A 14 -3.05 -5.69 5.14
CA CYS A 14 -1.91 -5.71 4.23
C CYS A 14 -1.68 -7.11 3.68
N SER A 15 -2.47 -8.06 4.15
CA SER A 15 -2.32 -9.46 3.77
C SER A 15 -2.63 -9.66 2.28
N SER A 16 -3.31 -8.70 1.67
CA SER A 16 -3.64 -8.78 0.26
C SER A 16 -2.81 -7.79 -0.56
N ASN A 17 -1.75 -7.27 0.06
CA ASN A 17 -0.83 -6.31 -0.57
C ASN A 17 -1.57 -5.07 -1.10
N PRO A 18 -2.01 -4.18 -0.19
CA PRO A 18 -2.73 -2.96 -0.57
C PRO A 18 -1.88 -2.03 -1.42
N CYS A 19 -0.63 -1.85 -1.03
CA CYS A 19 0.25 -0.93 -1.71
C CYS A 19 1.01 -1.62 -2.84
N GLY A 20 0.51 -2.77 -3.26
CA GLY A 20 1.14 -3.53 -4.32
C GLY A 20 2.45 -4.15 -3.89
N PRO A 21 3.55 -3.85 -4.61
CA PRO A 21 4.87 -4.37 -4.29
C PRO A 21 5.53 -3.61 -3.13
N GLU A 22 6.49 -4.25 -2.49
CA GLU A 22 7.20 -3.66 -1.37
C GLU A 22 8.06 -2.49 -1.85
N ALA A 23 8.48 -2.57 -3.11
CA ALA A 23 9.29 -1.51 -3.73
C ALA A 23 8.44 -0.28 -4.04
N ALA A 24 7.13 -0.45 -4.01
CA ALA A 24 6.22 0.66 -4.29
C ALA A 24 5.99 1.48 -3.04
N GLY A 25 5.61 0.81 -1.96
CA GLY A 25 5.38 1.51 -0.72
C GLY A 25 5.21 0.58 0.47
N THR A 26 5.10 1.17 1.64
CA THR A 26 4.96 0.42 2.88
C THR A 26 3.51 0.42 3.35
N CYS A 27 3.04 -0.71 3.86
CA CYS A 27 1.70 -0.81 4.40
C CYS A 27 1.73 -0.77 5.93
N LYS A 28 0.91 0.09 6.51
CA LYS A 28 0.79 0.18 7.95
C LYS A 28 -0.67 -0.02 8.35
N GLU A 29 -0.93 -1.08 9.11
CA GLU A 29 -2.28 -1.37 9.56
C GLU A 29 -2.68 -0.37 10.64
N THR A 30 -3.73 0.38 10.37
CA THR A 30 -4.18 1.41 11.28
C THR A 30 -5.52 1.05 11.89
N ASN A 31 -6.09 1.96 12.67
CA ASN A 31 -7.43 1.77 13.22
C ASN A 31 -8.45 1.82 12.09
N SER A 32 -8.09 2.50 11.01
CA SER A 32 -8.93 2.58 9.82
C SER A 32 -8.83 1.30 9.01
N GLY A 33 -7.76 0.55 9.25
CA GLY A 33 -7.50 -0.67 8.53
C GLY A 33 -6.07 -0.74 8.06
N TYR A 34 -5.74 0.07 7.08
CA TYR A 34 -4.39 0.13 6.55
C TYR A 34 -4.13 1.48 5.90
N ILE A 35 -2.87 1.84 5.77
CA ILE A 35 -2.46 2.98 4.98
C ILE A 35 -1.32 2.58 4.06
N CYS A 36 -1.14 3.33 2.98
CA CYS A 36 -0.10 3.03 2.03
C CYS A 36 0.86 4.20 1.88
N ARG A 37 2.11 3.94 2.20
CA ARG A 37 3.15 4.94 2.12
C ARG A 37 4.04 4.67 0.91
N CYS A 38 3.81 5.38 -0.18
CA CYS A 38 4.56 5.16 -1.41
C CYS A 38 5.93 5.79 -1.33
N ASN A 39 6.90 5.15 -1.97
CA ASN A 39 8.26 5.67 -2.03
C ASN A 39 8.38 6.68 -3.16
N GLN A 40 9.56 7.26 -3.33
CA GLN A 40 9.79 8.24 -4.39
C GLN A 40 9.50 7.62 -5.76
N GLY A 41 8.75 8.34 -6.58
CA GLY A 41 8.39 7.82 -7.89
C GLY A 41 7.14 6.96 -7.85
N TYR A 42 6.50 6.89 -6.70
CA TYR A 42 5.27 6.14 -6.55
C TYR A 42 4.17 7.03 -5.98
N ARG A 43 2.93 6.68 -6.28
CA ARG A 43 1.78 7.53 -5.96
C ARG A 43 0.61 6.69 -5.47
N ILE A 44 -0.32 7.35 -4.80
CA ILE A 44 -1.50 6.70 -4.26
C ILE A 44 -2.61 6.66 -5.30
N SER A 45 -3.24 5.51 -5.44
CA SER A 45 -4.33 5.32 -6.36
C SER A 45 -5.35 4.37 -5.75
N LEU A 46 -6.48 4.20 -6.42
CA LEU A 46 -7.52 3.32 -5.93
C LEU A 46 -7.57 2.05 -6.79
N ASP A 47 -7.88 0.94 -6.13
CA ASP A 47 -7.91 -0.39 -6.76
C ASP A 47 -8.96 -0.45 -7.86
N GLY A 48 -9.96 0.42 -7.77
CA GLY A 48 -11.06 0.39 -8.69
C GLY A 48 -12.38 0.49 -7.97
N THR A 49 -12.38 0.13 -6.69
CA THR A 49 -13.59 0.24 -5.88
C THR A 49 -13.42 1.32 -4.82
N GLY A 50 -12.17 1.56 -4.43
CA GLY A 50 -11.89 2.63 -3.51
C GLY A 50 -10.94 2.21 -2.38
N ASN A 51 -10.16 1.18 -2.64
CA ASN A 51 -9.13 0.74 -1.71
C ASN A 51 -7.85 1.52 -1.96
N VAL A 52 -7.10 1.81 -0.90
CA VAL A 52 -5.90 2.61 -1.00
C VAL A 52 -4.75 1.75 -1.52
N THR A 53 -4.32 2.03 -2.74
CA THR A 53 -3.26 1.26 -3.36
C THR A 53 -2.14 2.18 -3.81
N CYS A 54 -1.02 1.59 -4.18
CA CYS A 54 0.14 2.35 -4.60
C CYS A 54 0.52 1.95 -6.02
N ILE A 55 0.72 2.95 -6.86
CA ILE A 55 1.06 2.72 -8.26
C ILE A 55 2.25 3.55 -8.66
N VAL A 56 2.83 3.24 -9.82
CA VAL A 56 4.02 3.91 -10.27
C VAL A 56 3.71 5.30 -10.82
N ARG A 57 4.56 6.25 -10.47
CA ARG A 57 4.49 7.59 -11.01
C ARG A 57 5.57 7.73 -12.09
N GLN A 58 5.15 7.74 -13.35
CA GLN A 58 6.08 7.69 -14.49
C GLN A 58 6.92 8.97 -14.61
N GLU A 59 6.64 9.93 -13.75
CA GLU A 59 7.42 11.15 -13.71
C GLU A 59 7.88 11.35 -12.27
N SER A 60 9.19 11.31 -12.06
CA SER A 60 9.77 11.31 -10.72
C SER A 60 9.17 12.41 -9.83
N GLY A 61 8.61 12.01 -8.71
CA GLY A 61 7.98 12.94 -7.81
C GLY A 61 7.82 12.36 -6.42
N VAL A 5 1.98 -4.60 8.17
CA VAL A 5 2.94 -5.64 8.61
C VAL A 5 2.89 -5.79 10.13
N GLN A 6 1.68 -5.91 10.66
CA GLN A 6 1.48 -6.06 12.10
C GLN A 6 1.68 -7.52 12.51
N LEU A 7 1.21 -8.43 11.68
CA LEU A 7 1.36 -9.85 11.94
C LEU A 7 2.68 -10.35 11.39
N SER A 8 3.18 -11.43 11.97
CA SER A 8 4.53 -11.90 11.74
C SER A 8 4.64 -12.78 10.50
N GLU A 9 3.59 -13.55 10.24
CA GLU A 9 3.56 -14.40 9.06
C GLU A 9 2.87 -13.66 7.92
N THR A 10 1.55 -13.66 7.97
CA THR A 10 0.77 -12.85 7.05
C THR A 10 -0.14 -11.92 7.83
N PRO A 11 -0.12 -10.64 7.50
CA PRO A 11 -0.93 -9.63 8.17
C PRO A 11 -2.39 -9.69 7.72
N ALA A 12 -3.16 -8.65 7.98
CA ALA A 12 -4.54 -8.62 7.56
C ALA A 12 -4.71 -7.73 6.34
N ALA A 13 -4.47 -6.44 6.53
CA ALA A 13 -4.65 -5.50 5.45
C ALA A 13 -3.54 -5.65 4.41
N CYS A 14 -2.30 -5.72 4.87
CA CYS A 14 -1.16 -5.85 3.97
C CYS A 14 -1.19 -7.20 3.25
N SER A 15 -1.85 -8.19 3.84
CA SER A 15 -1.97 -9.51 3.24
C SER A 15 -2.83 -9.44 1.98
N SER A 16 -3.75 -8.48 1.94
CA SER A 16 -4.63 -8.30 0.79
C SER A 16 -3.92 -7.48 -0.30
N ASN A 17 -2.68 -7.09 0.01
CA ASN A 17 -1.84 -6.31 -0.90
C ASN A 17 -2.46 -4.95 -1.21
N PRO A 18 -2.45 -4.03 -0.23
CA PRO A 18 -3.06 -2.72 -0.40
C PRO A 18 -2.22 -1.83 -1.28
N CYS A 19 -1.02 -1.51 -0.83
CA CYS A 19 -0.12 -0.64 -1.56
C CYS A 19 0.66 -1.43 -2.61
N GLY A 20 0.07 -2.52 -3.09
CA GLY A 20 0.74 -3.35 -4.06
C GLY A 20 1.94 -4.07 -3.48
N PRO A 21 3.11 -3.92 -4.12
CA PRO A 21 4.34 -4.55 -3.65
C PRO A 21 4.96 -3.80 -2.48
N GLU A 22 5.77 -4.52 -1.71
CA GLU A 22 6.45 -3.98 -0.55
C GLU A 22 7.52 -2.98 -0.99
N ALA A 23 7.81 -2.96 -2.28
CA ALA A 23 8.77 -2.04 -2.87
C ALA A 23 8.10 -0.75 -3.31
N ALA A 24 6.77 -0.76 -3.39
CA ALA A 24 6.04 0.41 -3.86
C ALA A 24 5.94 1.44 -2.75
N GLY A 25 5.80 0.97 -1.53
CA GLY A 25 5.70 1.86 -0.40
C GLY A 25 5.60 1.11 0.91
N THR A 26 5.33 1.84 1.98
CA THR A 26 5.18 1.26 3.29
C THR A 26 3.72 0.92 3.54
N CYS A 27 3.46 -0.27 4.06
CA CYS A 27 2.11 -0.67 4.40
C CYS A 27 1.95 -0.66 5.92
N LYS A 28 1.13 0.25 6.41
CA LYS A 28 0.91 0.39 7.84
C LYS A 28 -0.53 0.07 8.18
N GLU A 29 -0.75 -1.07 8.80
CA GLU A 29 -2.08 -1.47 9.20
C GLU A 29 -2.52 -0.66 10.41
N THR A 30 -3.59 0.08 10.24
CA THR A 30 -4.07 0.97 11.27
C THR A 30 -5.38 0.46 11.85
N ASN A 31 -5.99 1.23 12.75
CA ASN A 31 -7.28 0.85 13.31
C ASN A 31 -8.39 1.09 12.29
N SER A 32 -8.08 1.90 11.29
CA SER A 32 -8.99 2.15 10.19
C SER A 32 -8.76 1.12 9.08
N GLY A 33 -7.80 0.24 9.31
CA GLY A 33 -7.51 -0.80 8.36
C GLY A 33 -6.06 -0.78 7.95
N TYR A 34 -5.73 0.12 7.03
CA TYR A 34 -4.36 0.29 6.58
C TYR A 34 -4.17 1.68 6.02
N ILE A 35 -2.93 2.15 6.06
CA ILE A 35 -2.54 3.33 5.32
C ILE A 35 -1.39 2.95 4.39
N CYS A 36 -1.30 3.63 3.26
CA CYS A 36 -0.28 3.31 2.27
C CYS A 36 0.60 4.52 2.01
N ARG A 37 1.89 4.36 2.22
CA ARG A 37 2.85 5.43 2.04
C ARG A 37 3.81 5.07 0.91
N CYS A 38 3.58 5.62 -0.26
CA CYS A 38 4.40 5.29 -1.43
C CYS A 38 5.75 5.97 -1.41
N ASN A 39 6.71 5.35 -2.09
CA ASN A 39 8.03 5.93 -2.27
C ASN A 39 7.99 6.98 -3.35
N GLN A 40 9.12 7.61 -3.65
CA GLN A 40 9.13 8.76 -4.56
C GLN A 40 8.71 8.36 -5.97
N GLY A 41 9.15 7.19 -6.40
CA GLY A 41 8.82 6.74 -7.73
C GLY A 41 7.43 6.13 -7.82
N TYR A 42 6.66 6.23 -6.74
CA TYR A 42 5.34 5.63 -6.69
C TYR A 42 4.29 6.65 -6.24
N ARG A 43 3.03 6.36 -6.51
CA ARG A 43 1.95 7.29 -6.19
C ARG A 43 0.71 6.53 -5.72
N ILE A 44 -0.19 7.24 -5.07
CA ILE A 44 -1.41 6.65 -4.54
C ILE A 44 -2.49 6.58 -5.60
N SER A 45 -3.06 5.40 -5.75
CA SER A 45 -4.13 5.16 -6.70
C SER A 45 -5.23 4.36 -6.01
N LEU A 46 -6.46 4.52 -6.48
CA LEU A 46 -7.58 3.75 -5.94
C LEU A 46 -7.93 2.61 -6.89
N ASP A 47 -8.28 1.47 -6.31
CA ASP A 47 -8.54 0.25 -7.06
C ASP A 47 -9.75 0.39 -7.98
N GLY A 48 -10.61 1.33 -7.67
CA GLY A 48 -11.83 1.50 -8.42
C GLY A 48 -13.04 1.56 -7.51
N THR A 49 -12.90 0.99 -6.31
CA THR A 49 -13.95 1.08 -5.31
C THR A 49 -13.54 2.05 -4.22
N GLY A 50 -12.23 2.22 -4.04
CA GLY A 50 -11.71 3.19 -3.10
C GLY A 50 -10.65 2.63 -2.19
N ASN A 51 -10.11 1.47 -2.55
CA ASN A 51 -8.99 0.90 -1.81
C ASN A 51 -7.72 1.67 -2.12
N VAL A 52 -6.97 1.99 -1.10
CA VAL A 52 -5.74 2.76 -1.28
C VAL A 52 -4.62 1.85 -1.76
N THR A 53 -4.24 2.03 -3.01
CA THR A 53 -3.20 1.21 -3.60
C THR A 53 -2.05 2.07 -4.07
N CYS A 54 -0.97 1.44 -4.47
CA CYS A 54 0.22 2.18 -4.86
C CYS A 54 0.68 1.72 -6.23
N ILE A 55 0.93 2.69 -7.10
CA ILE A 55 1.32 2.41 -8.47
C ILE A 55 2.52 3.27 -8.85
N VAL A 56 3.18 2.92 -9.94
CA VAL A 56 4.34 3.66 -10.40
C VAL A 56 3.96 5.08 -10.81
N ARG A 57 4.67 6.05 -10.25
CA ARG A 57 4.39 7.46 -10.52
C ARG A 57 5.06 7.87 -11.82
N GLN A 58 6.28 7.40 -12.02
CA GLN A 58 7.08 7.73 -13.19
C GLN A 58 8.25 6.78 -13.30
N GLU A 59 9.22 6.97 -12.42
CA GLU A 59 10.41 6.15 -12.39
C GLU A 59 10.63 5.64 -10.96
N SER A 60 10.68 4.32 -10.82
CA SER A 60 10.74 3.68 -9.52
C SER A 60 11.93 4.16 -8.68
N GLY A 61 11.63 4.80 -7.56
CA GLY A 61 12.66 5.29 -6.67
C GLY A 61 12.13 5.40 -5.26
N VAL A 5 1.05 -4.55 7.90
CA VAL A 5 2.48 -4.92 7.93
C VAL A 5 2.66 -6.42 7.67
N GLN A 6 2.25 -7.27 8.63
CA GLN A 6 2.45 -8.71 8.51
C GLN A 6 1.83 -9.43 9.70
N LEU A 7 2.14 -8.93 10.89
CA LEU A 7 1.54 -9.39 12.14
C LEU A 7 2.00 -10.80 12.52
N SER A 8 1.22 -11.81 12.16
CA SER A 8 1.53 -13.18 12.52
C SER A 8 0.91 -14.16 11.53
N GLU A 9 -0.37 -14.47 11.71
CA GLU A 9 -1.09 -15.35 10.80
C GLU A 9 -1.24 -14.68 9.46
N THR A 10 -1.98 -13.59 9.45
CA THR A 10 -2.17 -12.78 8.26
C THR A 10 -2.18 -11.31 8.64
N PRO A 11 -1.61 -10.45 7.79
CA PRO A 11 -1.73 -9.02 7.96
C PRO A 11 -3.11 -8.59 7.54
N ALA A 12 -4.04 -8.57 8.49
CA ALA A 12 -5.47 -8.45 8.21
C ALA A 12 -5.80 -7.34 7.23
N ALA A 13 -5.03 -6.26 7.24
CA ALA A 13 -5.29 -5.16 6.33
C ALA A 13 -4.44 -5.24 5.06
N CYS A 14 -3.26 -5.84 5.17
CA CYS A 14 -2.36 -5.93 4.01
C CYS A 14 -2.49 -7.29 3.32
N SER A 15 -3.39 -8.11 3.82
CA SER A 15 -3.55 -9.48 3.36
C SER A 15 -4.04 -9.53 1.92
N SER A 16 -4.59 -8.43 1.45
CA SER A 16 -5.12 -8.36 0.09
C SER A 16 -4.10 -7.73 -0.87
N ASN A 17 -2.91 -7.43 -0.35
CA ASN A 17 -1.85 -6.75 -1.10
C ASN A 17 -2.33 -5.39 -1.62
N PRO A 18 -2.41 -4.39 -0.73
CA PRO A 18 -2.90 -3.06 -1.08
C PRO A 18 -1.91 -2.27 -1.93
N CYS A 19 -0.83 -1.80 -1.30
CA CYS A 19 0.15 -0.95 -1.97
C CYS A 19 0.96 -1.75 -2.98
N GLY A 20 1.11 -3.03 -2.72
CA GLY A 20 1.84 -3.91 -3.60
C GLY A 20 3.20 -4.27 -3.04
N PRO A 21 4.27 -3.98 -3.79
CA PRO A 21 5.63 -4.33 -3.41
C PRO A 21 6.27 -3.25 -2.53
N GLU A 22 7.27 -3.69 -1.75
CA GLU A 22 8.01 -2.83 -0.85
C GLU A 22 8.76 -1.73 -1.63
N ALA A 23 9.02 -2.00 -2.90
CA ALA A 23 9.65 -1.01 -3.78
C ALA A 23 8.70 0.16 -4.04
N ALA A 24 7.41 -0.15 -4.12
CA ALA A 24 6.40 0.85 -4.41
C ALA A 24 6.00 1.58 -3.14
N GLY A 25 5.52 0.83 -2.16
CA GLY A 25 5.06 1.44 -0.94
C GLY A 25 4.83 0.42 0.15
N THR A 26 5.13 0.81 1.39
CA THR A 26 4.98 -0.07 2.53
C THR A 26 3.54 -0.01 3.03
N CYS A 27 3.04 -1.14 3.51
CA CYS A 27 1.67 -1.21 4.01
C CYS A 27 1.66 -1.14 5.53
N LYS A 28 1.10 -0.05 6.05
CA LYS A 28 1.07 0.20 7.48
C LYS A 28 -0.35 0.06 8.00
N GLU A 29 -0.58 -0.94 8.84
CA GLU A 29 -1.91 -1.18 9.36
C GLU A 29 -2.22 -0.19 10.48
N THR A 30 -3.28 0.59 10.27
CA THR A 30 -3.64 1.67 11.17
C THR A 30 -5.03 1.45 11.76
N ASN A 31 -5.54 2.43 12.48
CA ASN A 31 -6.90 2.37 13.01
C ASN A 31 -7.91 2.37 11.86
N SER A 32 -7.56 3.06 10.79
CA SER A 32 -8.39 3.10 9.60
C SER A 32 -8.32 1.78 8.84
N GLY A 33 -7.50 0.87 9.34
CA GLY A 33 -7.30 -0.39 8.69
C GLY A 33 -5.88 -0.51 8.19
N TYR A 34 -5.61 0.19 7.11
CA TYR A 34 -4.26 0.24 6.57
C TYR A 34 -4.05 1.53 5.80
N ILE A 35 -2.81 1.97 5.76
CA ILE A 35 -2.40 3.05 4.90
C ILE A 35 -1.19 2.60 4.11
N CYS A 36 -0.89 3.30 3.04
CA CYS A 36 0.23 2.93 2.20
C CYS A 36 1.21 4.06 2.11
N ARG A 37 2.47 3.74 2.35
CA ARG A 37 3.52 4.74 2.27
C ARG A 37 4.32 4.54 1.01
N CYS A 38 4.02 5.32 0.01
CA CYS A 38 4.66 5.18 -1.29
C CYS A 38 5.99 5.90 -1.33
N ASN A 39 7.00 5.21 -1.85
CA ASN A 39 8.31 5.79 -2.05
C ASN A 39 8.23 6.84 -3.15
N GLN A 40 9.12 7.83 -3.09
CA GLN A 40 9.07 8.91 -4.06
C GLN A 40 9.24 8.38 -5.47
N GLY A 41 8.23 8.64 -6.30
CA GLY A 41 8.17 8.03 -7.61
C GLY A 41 6.93 7.16 -7.74
N TYR A 42 6.26 6.98 -6.61
CA TYR A 42 5.01 6.25 -6.54
C TYR A 42 3.97 7.11 -5.83
N ARG A 43 2.69 6.78 -5.99
CA ARG A 43 1.65 7.48 -5.25
C ARG A 43 0.44 6.60 -5.02
N ILE A 44 -0.43 7.05 -4.10
CA ILE A 44 -1.63 6.31 -3.75
C ILE A 44 -2.65 6.35 -4.89
N SER A 45 -3.27 5.22 -5.13
CA SER A 45 -4.28 5.10 -6.16
C SER A 45 -5.34 4.11 -5.70
N LEU A 46 -6.47 4.10 -6.39
CA LEU A 46 -7.53 3.17 -6.06
C LEU A 46 -7.57 2.06 -7.10
N ASP A 47 -7.75 0.83 -6.61
CA ASP A 47 -7.71 -0.37 -7.43
C ASP A 47 -8.77 -0.36 -8.53
N GLY A 48 -9.83 0.40 -8.30
CA GLY A 48 -10.96 0.41 -9.21
C GLY A 48 -12.26 0.25 -8.47
N THR A 49 -12.20 -0.39 -7.31
CA THR A 49 -13.37 -0.51 -6.45
C THR A 49 -13.29 0.51 -5.33
N GLY A 50 -12.07 0.84 -4.94
CA GLY A 50 -11.85 1.86 -3.93
C GLY A 50 -10.89 1.40 -2.84
N ASN A 51 -10.06 0.44 -3.17
CA ASN A 51 -9.04 -0.05 -2.25
C ASN A 51 -7.79 0.83 -2.36
N VAL A 52 -7.14 1.07 -1.24
CA VAL A 52 -5.98 1.94 -1.21
C VAL A 52 -4.75 1.20 -1.70
N THR A 53 -4.27 1.57 -2.86
CA THR A 53 -3.15 0.89 -3.48
C THR A 53 -2.05 1.89 -3.81
N CYS A 54 -0.90 1.38 -4.21
CA CYS A 54 0.22 2.22 -4.54
C CYS A 54 0.68 1.91 -5.97
N ILE A 55 0.83 2.96 -6.77
CA ILE A 55 1.21 2.78 -8.17
C ILE A 55 2.36 3.70 -8.53
N VAL A 56 3.20 3.24 -9.45
CA VAL A 56 4.31 4.04 -9.94
C VAL A 56 3.79 5.30 -10.63
N ARG A 57 4.24 6.45 -10.17
CA ARG A 57 3.82 7.71 -10.74
C ARG A 57 5.02 8.53 -11.16
N GLN A 58 5.14 8.75 -12.47
CA GLN A 58 6.22 9.54 -13.04
C GLN A 58 6.22 10.96 -12.47
N GLU A 59 5.03 11.46 -12.16
CA GLU A 59 4.88 12.82 -11.68
C GLU A 59 4.58 12.86 -10.19
N SER A 60 5.56 12.45 -9.39
CA SER A 60 5.49 12.57 -7.94
C SER A 60 6.72 13.30 -7.42
N GLY A 61 7.90 12.82 -7.80
CA GLY A 61 9.13 13.45 -7.39
C GLY A 61 9.88 12.60 -6.40
N VAL A 5 1.78 -5.34 7.78
CA VAL A 5 2.53 -6.20 8.72
C VAL A 5 1.84 -7.55 8.86
N GLN A 6 2.43 -8.57 8.26
CA GLN A 6 1.92 -9.93 8.37
C GLN A 6 2.20 -10.48 9.77
N LEU A 7 1.17 -11.08 10.37
CA LEU A 7 1.29 -11.66 11.70
C LEU A 7 0.59 -13.01 11.74
N SER A 8 0.20 -13.49 10.57
CA SER A 8 -0.62 -14.67 10.48
C SER A 8 -0.71 -15.15 9.04
N GLU A 9 -1.53 -16.17 8.78
CA GLU A 9 -1.78 -16.68 7.43
C GLU A 9 -2.03 -15.51 6.48
N THR A 10 -3.01 -14.71 6.82
CA THR A 10 -3.29 -13.48 6.10
C THR A 10 -2.66 -12.31 6.84
N PRO A 11 -1.87 -11.48 6.13
CA PRO A 11 -1.24 -10.28 6.71
C PRO A 11 -2.26 -9.30 7.30
N ALA A 12 -3.52 -9.45 6.88
CA ALA A 12 -4.62 -8.61 7.34
C ALA A 12 -4.47 -7.16 6.87
N ALA A 13 -5.47 -6.69 6.13
CA ALA A 13 -5.48 -5.34 5.55
C ALA A 13 -4.45 -5.22 4.43
N CYS A 14 -3.19 -5.48 4.74
CA CYS A 14 -2.13 -5.52 3.74
C CYS A 14 -2.12 -6.89 3.07
N SER A 15 -3.12 -7.70 3.39
CA SER A 15 -3.21 -9.07 2.94
C SER A 15 -3.50 -9.16 1.44
N SER A 16 -4.12 -8.13 0.88
CA SER A 16 -4.44 -8.13 -0.54
C SER A 16 -3.33 -7.45 -1.35
N ASN A 17 -2.21 -7.20 -0.68
CA ASN A 17 -1.05 -6.52 -1.28
C ASN A 17 -1.45 -5.17 -1.87
N PRO A 18 -1.90 -4.24 -1.02
CA PRO A 18 -2.42 -2.94 -1.45
C PRO A 18 -1.37 -2.08 -2.15
N CYS A 19 -0.26 -1.84 -1.46
CA CYS A 19 0.81 -1.02 -1.99
C CYS A 19 1.90 -1.88 -2.62
N GLY A 20 1.64 -3.17 -2.73
CA GLY A 20 2.58 -4.09 -3.32
C GLY A 20 3.77 -4.37 -2.44
N PRO A 21 4.99 -4.24 -2.98
CA PRO A 21 6.23 -4.51 -2.26
C PRO A 21 6.79 -3.27 -1.59
N GLU A 22 7.81 -3.48 -0.76
CA GLU A 22 8.52 -2.39 -0.09
C GLU A 22 9.21 -1.48 -1.11
N ALA A 23 9.44 -2.01 -2.31
CA ALA A 23 10.00 -1.21 -3.38
C ALA A 23 9.02 -0.13 -3.82
N ALA A 24 7.73 -0.44 -3.72
CA ALA A 24 6.69 0.48 -4.14
C ALA A 24 6.19 1.31 -2.96
N GLY A 25 5.59 0.63 -1.99
CA GLY A 25 5.06 1.33 -0.83
C GLY A 25 4.82 0.39 0.33
N THR A 26 5.09 0.89 1.53
CA THR A 26 4.91 0.09 2.74
C THR A 26 3.46 0.18 3.20
N CYS A 27 2.94 -0.94 3.68
CA CYS A 27 1.58 -0.99 4.20
C CYS A 27 1.62 -0.93 5.73
N LYS A 28 0.85 -0.03 6.30
CA LYS A 28 0.79 0.13 7.74
C LYS A 28 -0.65 0.07 8.20
N GLU A 29 -1.01 -0.99 8.92
CA GLU A 29 -2.37 -1.16 9.40
C GLU A 29 -2.71 -0.14 10.47
N THR A 30 -3.73 0.67 10.18
CA THR A 30 -4.17 1.70 11.09
C THR A 30 -5.43 1.27 11.82
N ASN A 31 -6.01 2.16 12.62
CA ASN A 31 -7.27 1.87 13.29
C ASN A 31 -8.38 1.71 12.26
N SER A 32 -8.43 2.62 11.30
CA SER A 32 -9.41 2.55 10.22
C SER A 32 -9.23 1.28 9.40
N GLY A 33 -7.98 0.93 9.14
CA GLY A 33 -7.69 -0.29 8.41
C GLY A 33 -6.22 -0.39 8.06
N TYR A 34 -5.83 0.26 6.99
CA TYR A 34 -4.44 0.30 6.59
C TYR A 34 -4.14 1.54 5.75
N ILE A 35 -2.89 1.93 5.75
CA ILE A 35 -2.43 3.00 4.86
C ILE A 35 -1.26 2.50 4.04
N CYS A 36 -1.00 3.16 2.93
CA CYS A 36 0.11 2.79 2.06
C CYS A 36 1.04 3.97 1.87
N ARG A 37 2.29 3.79 2.25
CA ARG A 37 3.28 4.83 2.13
C ARG A 37 4.15 4.58 0.92
N CYS A 38 3.85 5.27 -0.17
CA CYS A 38 4.54 5.05 -1.43
C CYS A 38 5.88 5.77 -1.45
N ASN A 39 6.90 5.08 -1.94
CA ASN A 39 8.22 5.64 -2.12
C ASN A 39 8.19 6.63 -3.28
N GLN A 40 9.10 7.59 -3.28
CA GLN A 40 9.12 8.60 -4.32
C GLN A 40 9.33 7.94 -5.70
N GLY A 41 8.38 8.16 -6.58
CA GLY A 41 8.36 7.44 -7.84
C GLY A 41 7.09 6.64 -7.97
N TYR A 42 6.36 6.56 -6.86
CA TYR A 42 5.07 5.89 -6.83
C TYR A 42 4.01 6.86 -6.32
N ARG A 43 2.75 6.52 -6.56
CA ARG A 43 1.64 7.39 -6.18
C ARG A 43 0.49 6.56 -5.62
N ILE A 44 -0.35 7.20 -4.81
CA ILE A 44 -1.49 6.54 -4.19
C ILE A 44 -2.66 6.48 -5.15
N SER A 45 -3.23 5.29 -5.30
CA SER A 45 -4.37 5.08 -6.16
C SER A 45 -5.44 4.29 -5.42
N LEU A 46 -6.68 4.42 -5.86
CA LEU A 46 -7.77 3.63 -5.29
C LEU A 46 -8.16 2.55 -6.28
N ASP A 47 -8.37 1.35 -5.75
CA ASP A 47 -8.68 0.17 -6.55
C ASP A 47 -9.94 0.34 -7.37
N GLY A 48 -10.84 1.18 -6.88
CA GLY A 48 -12.13 1.35 -7.52
C GLY A 48 -13.23 1.39 -6.49
N THR A 49 -13.07 0.62 -5.43
CA THR A 49 -14.02 0.63 -4.33
C THR A 49 -13.63 1.72 -3.34
N GLY A 50 -12.33 1.99 -3.27
CA GLY A 50 -11.83 3.05 -2.43
C GLY A 50 -10.72 2.58 -1.51
N ASN A 51 -10.18 1.41 -1.80
CA ASN A 51 -9.10 0.85 -1.01
C ASN A 51 -7.76 1.46 -1.44
N VAL A 52 -6.90 1.70 -0.48
CA VAL A 52 -5.66 2.41 -0.72
C VAL A 52 -4.61 1.51 -1.34
N THR A 53 -4.29 1.77 -2.59
CA THR A 53 -3.27 1.00 -3.30
C THR A 53 -2.15 1.91 -3.76
N CYS A 54 -1.07 1.31 -4.22
CA CYS A 54 0.08 2.09 -4.66
C CYS A 54 0.44 1.72 -6.10
N ILE A 55 0.63 2.74 -6.92
CA ILE A 55 0.95 2.53 -8.33
C ILE A 55 2.12 3.42 -8.72
N VAL A 56 2.66 3.19 -9.91
CA VAL A 56 3.81 3.94 -10.38
C VAL A 56 3.42 5.38 -10.76
N ARG A 57 4.29 6.33 -10.42
CA ARG A 57 4.06 7.74 -10.70
C ARG A 57 4.32 8.03 -12.18
N GLN A 58 5.34 7.39 -12.73
CA GLN A 58 5.62 7.44 -14.16
C GLN A 58 6.28 6.14 -14.58
N GLU A 59 7.48 5.92 -14.06
CA GLU A 59 8.24 4.70 -14.32
C GLU A 59 9.51 4.70 -13.47
N SER A 60 9.47 3.98 -12.35
CA SER A 60 10.57 3.97 -11.39
C SER A 60 10.92 5.41 -11.00
N GLY A 61 9.89 6.23 -10.85
CA GLY A 61 10.07 7.64 -10.62
C GLY A 61 8.84 8.39 -11.05
N VAL A 5 1.72 -4.96 9.56
CA VAL A 5 2.66 -5.95 10.13
C VAL A 5 2.13 -7.37 9.97
N GLN A 6 3.01 -8.35 10.04
CA GLN A 6 2.62 -9.73 9.84
C GLN A 6 2.32 -10.38 11.18
N LEU A 7 1.03 -10.38 11.55
CA LEU A 7 0.61 -10.89 12.84
C LEU A 7 0.38 -12.39 12.81
N SER A 8 1.38 -13.13 13.30
CA SER A 8 1.28 -14.58 13.49
C SER A 8 1.31 -15.35 12.16
N GLU A 9 0.32 -15.11 11.32
CA GLU A 9 0.21 -15.85 10.07
C GLU A 9 -0.05 -14.90 8.91
N THR A 10 -1.19 -14.23 8.95
CA THR A 10 -1.57 -13.29 7.91
C THR A 10 -1.07 -11.89 8.24
N PRO A 11 -0.63 -11.15 7.21
CA PRO A 11 -0.29 -9.73 7.35
C PRO A 11 -1.53 -8.85 7.52
N ALA A 12 -2.59 -9.43 8.09
CA ALA A 12 -3.84 -8.75 8.44
C ALA A 12 -4.38 -7.82 7.35
N ALA A 13 -4.08 -6.52 7.46
CA ALA A 13 -4.65 -5.52 6.55
C ALA A 13 -3.81 -5.41 5.29
N CYS A 14 -2.58 -5.88 5.37
CA CYS A 14 -1.69 -5.92 4.22
C CYS A 14 -1.62 -7.35 3.71
N SER A 15 -2.52 -8.18 4.21
CA SER A 15 -2.51 -9.61 3.93
C SER A 15 -2.81 -9.88 2.46
N SER A 16 -3.57 -8.99 1.83
CA SER A 16 -3.92 -9.15 0.42
C SER A 16 -3.06 -8.27 -0.47
N ASN A 17 -1.98 -7.73 0.11
CA ASN A 17 -1.04 -6.85 -0.60
C ASN A 17 -1.73 -5.64 -1.22
N PRO A 18 -1.94 -4.58 -0.44
CA PRO A 18 -2.62 -3.37 -0.90
C PRO A 18 -1.76 -2.54 -1.84
N CYS A 19 -0.59 -2.13 -1.35
CA CYS A 19 0.30 -1.24 -2.09
C CYS A 19 1.23 -2.01 -3.02
N GLY A 20 0.86 -3.25 -3.30
CA GLY A 20 1.65 -4.08 -4.18
C GLY A 20 2.91 -4.62 -3.54
N PRO A 21 4.08 -4.36 -4.15
CA PRO A 21 5.37 -4.84 -3.66
C PRO A 21 6.03 -3.83 -2.71
N GLU A 22 6.98 -4.33 -1.92
CA GLU A 22 7.68 -3.52 -0.94
C GLU A 22 8.51 -2.41 -1.62
N ALA A 23 8.83 -2.62 -2.89
CA ALA A 23 9.55 -1.62 -3.67
C ALA A 23 8.68 -0.42 -3.98
N ALA A 24 7.38 -0.68 -4.13
CA ALA A 24 6.43 0.38 -4.46
C ALA A 24 6.11 1.22 -3.25
N GLY A 25 5.77 0.58 -2.15
CA GLY A 25 5.46 1.30 -0.94
C GLY A 25 5.26 0.39 0.25
N THR A 26 5.24 1.00 1.43
CA THR A 26 5.05 0.27 2.66
C THR A 26 3.57 0.26 3.04
N CYS A 27 3.08 -0.86 3.53
CA CYS A 27 1.70 -0.97 3.95
C CYS A 27 1.61 -0.85 5.47
N LYS A 28 0.95 0.21 5.93
CA LYS A 28 0.85 0.48 7.35
C LYS A 28 -0.60 0.36 7.79
N GLU A 29 -0.85 -0.54 8.71
CA GLU A 29 -2.21 -0.82 9.16
C GLU A 29 -2.68 0.23 10.15
N THR A 30 -3.86 0.77 9.91
CA THR A 30 -4.37 1.88 10.69
C THR A 30 -5.70 1.54 11.35
N ASN A 31 -6.30 2.52 12.00
CA ASN A 31 -7.60 2.33 12.65
C ASN A 31 -8.70 2.13 11.61
N SER A 32 -8.52 2.72 10.44
CA SER A 32 -9.49 2.62 9.35
C SER A 32 -9.24 1.36 8.54
N GLY A 33 -8.16 0.65 8.88
CA GLY A 33 -7.79 -0.54 8.16
C GLY A 33 -6.32 -0.54 7.82
N TYR A 34 -5.98 0.13 6.74
CA TYR A 34 -4.58 0.24 6.32
C TYR A 34 -4.39 1.47 5.45
N ILE A 35 -3.18 1.98 5.46
CA ILE A 35 -2.78 3.02 4.52
C ILE A 35 -1.52 2.56 3.80
N CYS A 36 -1.19 3.22 2.72
CA CYS A 36 -0.02 2.87 1.96
C CYS A 36 0.93 4.05 1.86
N ARG A 37 2.18 3.78 2.15
CA ARG A 37 3.22 4.78 2.06
C ARG A 37 4.10 4.48 0.86
N CYS A 38 3.82 5.14 -0.24
CA CYS A 38 4.54 4.88 -1.49
C CYS A 38 5.89 5.57 -1.47
N ASN A 39 6.91 4.82 -1.86
CA ASN A 39 8.27 5.34 -1.96
C ASN A 39 8.32 6.39 -3.05
N GLN A 40 9.14 7.42 -2.83
CA GLN A 40 9.31 8.51 -3.78
C GLN A 40 9.47 7.99 -5.20
N GLY A 41 8.46 8.25 -6.01
CA GLY A 41 8.43 7.72 -7.36
C GLY A 41 7.13 6.97 -7.61
N TYR A 42 6.50 6.57 -6.52
CA TYR A 42 5.20 5.95 -6.57
C TYR A 42 4.16 6.86 -5.92
N ARG A 43 2.90 6.62 -6.20
CA ARG A 43 1.83 7.47 -5.71
C ARG A 43 0.62 6.63 -5.29
N ILE A 44 -0.20 7.21 -4.42
CA ILE A 44 -1.37 6.54 -3.89
C ILE A 44 -2.54 6.62 -4.86
N SER A 45 -3.12 5.48 -5.16
CA SER A 45 -4.29 5.41 -6.01
C SER A 45 -5.36 4.59 -5.32
N LEU A 46 -6.62 4.88 -5.60
CA LEU A 46 -7.71 4.13 -5.01
C LEU A 46 -8.46 3.41 -6.11
N ASP A 47 -8.57 2.10 -5.98
CA ASP A 47 -9.19 1.27 -7.01
C ASP A 47 -10.72 1.36 -6.98
N GLY A 48 -11.23 2.58 -7.11
CA GLY A 48 -12.66 2.79 -7.22
C GLY A 48 -13.38 2.71 -5.88
N THR A 49 -13.22 1.59 -5.20
CA THR A 49 -13.90 1.34 -3.93
C THR A 49 -13.23 2.05 -2.76
N GLY A 50 -12.26 2.89 -3.08
CA GLY A 50 -11.54 3.62 -2.05
C GLY A 50 -10.47 2.79 -1.38
N ASN A 51 -10.18 1.63 -1.96
CA ASN A 51 -9.11 0.78 -1.45
C ASN A 51 -7.76 1.41 -1.78
N VAL A 52 -6.92 1.56 -0.77
CA VAL A 52 -5.66 2.26 -0.92
C VAL A 52 -4.62 1.35 -1.57
N THR A 53 -4.25 1.67 -2.79
CA THR A 53 -3.23 0.93 -3.49
C THR A 53 -2.10 1.86 -3.89
N CYS A 54 -1.07 1.31 -4.50
CA CYS A 54 0.09 2.10 -4.86
C CYS A 54 0.44 1.89 -6.33
N ILE A 55 0.61 2.99 -7.04
CA ILE A 55 0.94 2.92 -8.46
C ILE A 55 2.11 3.84 -8.77
N VAL A 56 2.71 3.66 -9.93
CA VAL A 56 3.86 4.45 -10.34
C VAL A 56 3.45 5.90 -10.61
N ARG A 57 4.29 6.83 -10.17
CA ARG A 57 4.08 8.24 -10.43
C ARG A 57 4.68 8.59 -11.78
N GLN A 58 5.95 8.25 -11.95
CA GLN A 58 6.63 8.38 -13.23
C GLN A 58 8.07 7.86 -13.11
N GLU A 59 8.23 6.56 -13.37
CA GLU A 59 9.55 5.93 -13.46
C GLU A 59 10.36 6.04 -12.17
N SER A 60 9.67 6.22 -11.05
CA SER A 60 10.29 6.32 -9.72
C SER A 60 11.11 7.61 -9.59
N GLY A 61 11.40 7.99 -8.34
CA GLY A 61 12.14 9.21 -8.07
C GLY A 61 11.26 10.43 -8.16
N VAL A 5 2.30 -4.46 7.08
CA VAL A 5 3.00 -5.72 7.42
C VAL A 5 3.04 -5.91 8.93
N GLN A 6 2.04 -6.60 9.46
CA GLN A 6 1.97 -6.90 10.88
C GLN A 6 1.47 -8.33 11.10
N LEU A 7 1.39 -8.72 12.37
CA LEU A 7 0.92 -10.06 12.76
C LEU A 7 1.90 -11.16 12.37
N SER A 8 1.66 -12.34 12.93
CA SER A 8 2.54 -13.48 12.73
C SER A 8 1.86 -14.54 11.85
N GLU A 9 0.99 -14.09 10.98
CA GLU A 9 0.27 -14.97 10.07
C GLU A 9 0.16 -14.29 8.71
N THR A 10 -0.75 -13.34 8.64
CA THR A 10 -0.92 -12.50 7.48
C THR A 10 -1.13 -11.07 7.93
N PRO A 11 -0.66 -10.08 7.17
CA PRO A 11 -0.77 -8.67 7.53
C PRO A 11 -2.19 -8.12 7.43
N ALA A 12 -3.17 -9.04 7.44
CA ALA A 12 -4.59 -8.71 7.46
C ALA A 12 -4.97 -7.67 6.39
N ALA A 13 -5.00 -6.41 6.79
CA ALA A 13 -5.40 -5.34 5.90
C ALA A 13 -4.41 -5.17 4.74
N CYS A 14 -3.16 -5.55 5.00
CA CYS A 14 -2.12 -5.47 3.98
C CYS A 14 -1.96 -6.82 3.28
N SER A 15 -2.71 -7.81 3.71
CA SER A 15 -2.55 -9.17 3.21
C SER A 15 -3.05 -9.29 1.76
N SER A 16 -3.70 -8.25 1.28
CA SER A 16 -4.19 -8.22 -0.11
C SER A 16 -3.14 -7.63 -1.05
N ASN A 17 -1.96 -7.33 -0.49
CA ASN A 17 -0.88 -6.66 -1.21
C ASN A 17 -1.36 -5.35 -1.82
N PRO A 18 -1.85 -4.41 -0.98
CA PRO A 18 -2.46 -3.16 -1.45
C PRO A 18 -1.43 -2.21 -2.05
N CYS A 19 -0.37 -1.95 -1.29
CA CYS A 19 0.65 -1.01 -1.72
C CYS A 19 1.64 -1.70 -2.65
N GLY A 20 1.51 -3.01 -2.81
CA GLY A 20 2.39 -3.75 -3.68
C GLY A 20 3.61 -4.29 -2.97
N PRO A 21 4.76 -4.32 -3.64
CA PRO A 21 6.00 -4.85 -3.10
C PRO A 21 6.81 -3.80 -2.35
N GLU A 22 7.90 -4.23 -1.74
CA GLU A 22 8.77 -3.35 -0.95
C GLU A 22 9.20 -2.12 -1.77
N ALA A 23 9.61 -2.36 -3.00
CA ALA A 23 10.12 -1.30 -3.86
C ALA A 23 9.07 -0.23 -4.16
N ALA A 24 7.80 -0.60 -4.06
CA ALA A 24 6.72 0.33 -4.37
C ALA A 24 6.37 1.18 -3.16
N GLY A 25 5.84 0.55 -2.12
CA GLY A 25 5.43 1.29 -0.96
C GLY A 25 5.12 0.41 0.23
N THR A 26 5.22 0.97 1.41
CA THR A 26 4.99 0.24 2.66
C THR A 26 3.52 0.34 3.06
N CYS A 27 2.98 -0.75 3.60
CA CYS A 27 1.61 -0.78 4.04
C CYS A 27 1.54 -0.60 5.56
N LYS A 28 0.72 0.33 5.98
CA LYS A 28 0.57 0.63 7.40
C LYS A 28 -0.86 0.35 7.84
N GLU A 29 -1.04 -0.74 8.59
CA GLU A 29 -2.33 -1.07 9.13
C GLU A 29 -2.73 -0.03 10.17
N THR A 30 -3.84 0.64 9.92
CA THR A 30 -4.28 1.75 10.75
C THR A 30 -5.41 1.31 11.68
N ASN A 31 -5.99 2.26 12.39
CA ASN A 31 -7.12 1.97 13.27
C ASN A 31 -8.37 1.67 12.43
N SER A 32 -8.53 2.40 11.34
CA SER A 32 -9.69 2.26 10.47
C SER A 32 -9.52 1.11 9.49
N GLY A 33 -8.27 0.80 9.15
CA GLY A 33 -8.00 -0.27 8.22
C GLY A 33 -6.53 -0.33 7.86
N TYR A 34 -6.17 0.30 6.76
CA TYR A 34 -4.78 0.35 6.33
C TYR A 34 -4.55 1.56 5.43
N ILE A 35 -3.32 2.03 5.40
CA ILE A 35 -2.90 3.05 4.48
C ILE A 35 -1.63 2.61 3.75
N CYS A 36 -1.30 3.30 2.68
CA CYS A 36 -0.13 2.96 1.90
C CYS A 36 0.83 4.14 1.84
N ARG A 37 2.09 3.88 2.11
CA ARG A 37 3.12 4.90 2.04
C ARG A 37 4.10 4.57 0.93
N CYS A 38 3.94 5.24 -0.20
CA CYS A 38 4.73 4.95 -1.38
C CYS A 38 6.09 5.61 -1.32
N ASN A 39 7.07 5.00 -1.96
CA ASN A 39 8.40 5.56 -2.08
C ASN A 39 8.44 6.52 -3.26
N GLN A 40 9.42 7.42 -3.26
CA GLN A 40 9.56 8.42 -4.32
C GLN A 40 9.51 7.78 -5.70
N GLY A 41 8.56 8.22 -6.51
CA GLY A 41 8.36 7.64 -7.81
C GLY A 41 7.03 6.91 -7.89
N TYR A 42 6.46 6.62 -6.73
CA TYR A 42 5.16 5.95 -6.65
C TYR A 42 4.11 6.86 -6.05
N ARG A 43 2.85 6.51 -6.25
CA ARG A 43 1.73 7.35 -5.84
C ARG A 43 0.59 6.52 -5.28
N ILE A 44 -0.26 7.15 -4.48
CA ILE A 44 -1.41 6.48 -3.87
C ILE A 44 -2.58 6.46 -4.83
N SER A 45 -3.19 5.30 -4.97
CA SER A 45 -4.32 5.13 -5.84
C SER A 45 -5.41 4.37 -5.10
N LEU A 46 -6.63 4.41 -5.64
CA LEU A 46 -7.75 3.70 -5.06
C LEU A 46 -8.36 2.77 -6.10
N ASP A 47 -8.40 1.49 -5.79
CA ASP A 47 -8.88 0.50 -6.74
C ASP A 47 -10.40 0.34 -6.67
N GLY A 48 -11.11 1.37 -7.12
CA GLY A 48 -12.55 1.29 -7.25
C GLY A 48 -13.29 1.55 -5.95
N THR A 49 -13.22 0.59 -5.03
CA THR A 49 -14.00 0.63 -3.80
C THR A 49 -13.45 1.65 -2.81
N GLY A 50 -12.38 2.33 -3.18
CA GLY A 50 -11.78 3.29 -2.28
C GLY A 50 -10.76 2.64 -1.38
N ASN A 51 -10.28 1.47 -1.79
CA ASN A 51 -9.22 0.79 -1.06
C ASN A 51 -7.88 1.39 -1.46
N VAL A 52 -7.04 1.63 -0.47
CA VAL A 52 -5.79 2.35 -0.69
C VAL A 52 -4.72 1.43 -1.26
N THR A 53 -4.25 1.76 -2.46
CA THR A 53 -3.19 1.01 -3.09
C THR A 53 -2.07 1.93 -3.53
N CYS A 54 -0.98 1.35 -3.99
CA CYS A 54 0.15 2.11 -4.44
C CYS A 54 0.48 1.75 -5.88
N ILE A 55 0.65 2.76 -6.69
CA ILE A 55 0.94 2.56 -8.11
C ILE A 55 2.07 3.46 -8.54
N VAL A 56 2.65 3.17 -9.69
CA VAL A 56 3.77 3.94 -10.20
C VAL A 56 3.32 5.32 -10.67
N ARG A 57 4.09 6.33 -10.31
CA ARG A 57 3.90 7.67 -10.82
C ARG A 57 4.68 7.80 -12.11
N GLN A 58 6.01 7.71 -11.96
CA GLN A 58 6.94 7.80 -13.07
C GLN A 58 8.35 7.83 -12.50
N GLU A 59 9.21 6.95 -12.98
CA GLU A 59 10.60 6.90 -12.53
C GLU A 59 10.66 6.47 -11.06
N SER A 60 11.85 6.47 -10.49
CA SER A 60 12.02 6.11 -9.09
C SER A 60 13.06 7.00 -8.44
N GLY A 61 12.71 7.57 -7.29
CA GLY A 61 13.62 8.44 -6.58
C GLY A 61 14.33 7.73 -5.45
#